data_4V01
#
_entry.id   4V01
#
_cell.length_a   207.255
_cell.length_b   58.090
_cell.length_c   65.231
_cell.angle_alpha   90.00
_cell.angle_beta   107.38
_cell.angle_gamma   90.00
#
_symmetry.space_group_name_H-M   'C 1 2 1'
#
loop_
_entity.id
_entity.type
_entity.pdbx_description
1 polymer 'FIBROBLAST GROWTH FACTOR RECEPTOR 1 (FMS-RELATED TYROSINE KINASE 2, PFEIFFER SYNDROME), ISOFORM CRA_B'
2 non-polymer 'SULFATE ION'
3 non-polymer 1,2-ETHANEDIOL
4 non-polymer '3-(imidazo[1,2-b]pyridazin-3-ylethynyl)-4-methyl-N-{4-[(4-methylpiperazin-1-yl)methyl]-3-(trifluoromethyl)phenyl}benzam ide'
5 water water
#
_entity_poly.entity_id   1
_entity_poly.type   'polypeptide(L)'
_entity_poly.pdbx_seq_one_letter_code
;GAGVSEYELPEDPRWELPRDRLVLGKPLGEGAFGQVVLAEAIGLDKDKPNRVTKVAVKMLKSDATEKDLSDLISEMEMMK
MIGKHKNIINLLGACTQDGPLYVIVEYASKGNLREYLQARRPPGLEYSYNPSHNPEEQLSSKDLVSCAYQVARGMEYLAS
KKCIHRDLAARNVLVTEDNVMKIADFGLARDIHHIDYYKKTTNGRLPVKWMAPEALFDRIYTHQSDVWSFGVLLWEIFTL
GGSPYPGVPVEELFKLLKEGHRMDKPSNCTNELYMMMRDCWHAVPSQRPTFKQLVEDLDRIVALTSNQE
;
_entity_poly.pdbx_strand_id   A,B
#
loop_
_chem_comp.id
_chem_comp.type
_chem_comp.name
_chem_comp.formula
0LI non-polymer '3-(imidazo[1,2-b]pyridazin-3-ylethynyl)-4-methyl-N-{4-[(4-methylpiperazin-1-yl)methyl]-3-(trifluoromethyl)phenyl}benzam ide' 'C29 H27 F3 N6 O'
EDO non-polymer 1,2-ETHANEDIOL 'C2 H6 O2'
SO4 non-polymer 'SULFATE ION' 'O4 S -2'
#
# COMPACT_ATOMS: atom_id res chain seq x y z
N LEU A 9 -38.74 8.64 -31.66
CA LEU A 9 -38.66 7.50 -30.74
C LEU A 9 -39.96 6.69 -30.72
N PRO A 10 -39.92 5.37 -31.00
CA PRO A 10 -41.16 4.58 -30.97
C PRO A 10 -41.49 4.10 -29.56
N GLU A 11 -42.79 4.09 -29.23
CA GLU A 11 -43.28 3.67 -27.92
C GLU A 11 -43.18 2.15 -27.83
N ASP A 12 -42.38 1.65 -26.87
CA ASP A 12 -42.21 0.22 -26.64
C ASP A 12 -43.19 -0.12 -25.52
N PRO A 13 -44.29 -0.85 -25.80
CA PRO A 13 -45.28 -1.13 -24.74
C PRO A 13 -44.82 -2.05 -23.60
N ARG A 14 -43.70 -2.78 -23.76
CA ARG A 14 -43.19 -3.69 -22.70
C ARG A 14 -42.63 -2.86 -21.54
N TRP A 15 -42.18 -1.63 -21.86
CA TRP A 15 -41.45 -0.76 -20.97
C TRP A 15 -42.04 0.60 -20.72
N GLU A 16 -42.88 1.12 -21.62
CA GLU A 16 -43.39 2.47 -21.49
C GLU A 16 -44.20 2.73 -20.24
N LEU A 17 -43.88 3.85 -19.57
CA LEU A 17 -44.61 4.34 -18.42
C LEU A 17 -45.10 5.75 -18.74
N PRO A 18 -46.40 6.07 -18.58
CA PRO A 18 -46.83 7.48 -18.81
C PRO A 18 -46.15 8.42 -17.81
N ARG A 19 -45.77 9.62 -18.29
CA ARG A 19 -45.11 10.69 -17.53
C ARG A 19 -45.84 11.09 -16.25
N ASP A 20 -47.19 11.13 -16.27
CA ASP A 20 -48.01 11.53 -15.13
C ASP A 20 -47.93 10.53 -13.95
N ARG A 21 -47.21 9.41 -14.13
CA ARG A 21 -47.02 8.36 -13.11
C ARG A 21 -45.67 8.49 -12.44
N LEU A 22 -44.81 9.36 -12.97
CA LEU A 22 -43.47 9.54 -12.45
C LEU A 22 -43.34 10.87 -11.71
N VAL A 23 -43.17 10.80 -10.38
CA VAL A 23 -43.02 11.97 -9.51
C VAL A 23 -41.50 12.14 -9.25
N LEU A 24 -40.86 13.08 -9.96
CA LEU A 24 -39.42 13.35 -9.88
C LEU A 24 -39.00 13.95 -8.55
N GLY A 25 -37.95 13.40 -7.97
CA GLY A 25 -37.40 13.81 -6.68
C GLY A 25 -35.97 14.31 -6.73
N LYS A 26 -35.30 14.22 -5.57
CA LYS A 26 -33.92 14.68 -5.35
C LYS A 26 -32.86 14.01 -6.26
N PRO A 27 -31.86 14.76 -6.79
CA PRO A 27 -30.81 14.12 -7.61
C PRO A 27 -29.98 13.14 -6.79
N LEU A 28 -29.53 12.04 -7.42
CA LEU A 28 -28.71 11.01 -6.80
C LEU A 28 -27.24 11.05 -7.30
N GLY A 29 -27.01 11.78 -8.40
CA GLY A 29 -25.69 11.91 -9.01
C GLY A 29 -25.74 12.04 -10.52
N GLY A 34 -25.14 11.29 -18.04
CA GLY A 34 -26.19 12.30 -17.84
C GLY A 34 -26.39 12.59 -16.35
N GLN A 35 -27.65 12.58 -15.88
CA GLN A 35 -27.98 12.81 -14.47
C GLN A 35 -29.04 11.82 -13.94
N VAL A 36 -28.85 11.35 -12.69
CA VAL A 36 -29.71 10.38 -12.02
C VAL A 36 -30.48 11.04 -10.88
N VAL A 37 -31.82 10.87 -10.88
CA VAL A 37 -32.69 11.43 -9.82
C VAL A 37 -33.51 10.33 -9.15
N LEU A 38 -33.83 10.53 -7.87
CA LEU A 38 -34.71 9.63 -7.16
C LEU A 38 -36.10 10.04 -7.65
N ALA A 39 -37.02 9.08 -7.73
CA ALA A 39 -38.39 9.36 -8.15
C ALA A 39 -39.35 8.35 -7.57
N GLU A 40 -40.65 8.62 -7.68
CA GLU A 40 -41.71 7.70 -7.26
C GLU A 40 -42.57 7.38 -8.44
N ALA A 41 -42.72 6.08 -8.72
CA ALA A 41 -43.53 5.60 -9.85
C ALA A 41 -44.86 5.03 -9.34
N ILE A 42 -45.98 5.65 -9.77
CA ILE A 42 -47.33 5.22 -9.41
C ILE A 42 -47.73 4.09 -10.33
N GLY A 43 -47.96 2.91 -9.75
CA GLY A 43 -48.42 1.74 -10.48
C GLY A 43 -47.53 1.25 -11.60
N LEU A 44 -46.27 0.85 -11.27
CA LEU A 44 -45.32 0.29 -12.24
C LEU A 44 -45.85 -1.05 -12.78
N ASP A 45 -46.49 -1.83 -11.90
CA ASP A 45 -47.14 -3.13 -12.17
C ASP A 45 -48.62 -2.87 -12.46
N LYS A 48 -49.89 -3.49 -7.74
CA LYS A 48 -51.16 -2.92 -8.23
C LYS A 48 -50.99 -1.48 -8.79
N PRO A 49 -52.03 -0.85 -9.41
CA PRO A 49 -51.85 0.53 -9.90
C PRO A 49 -51.89 1.60 -8.81
N ASN A 50 -52.28 1.23 -7.57
CA ASN A 50 -52.40 2.15 -6.43
C ASN A 50 -51.18 2.20 -5.53
N ARG A 51 -50.04 1.65 -5.98
CA ARG A 51 -48.84 1.64 -5.17
C ARG A 51 -47.72 2.45 -5.79
N VAL A 52 -46.92 3.11 -4.93
CA VAL A 52 -45.74 3.85 -5.35
C VAL A 52 -44.50 2.98 -5.11
N THR A 53 -43.59 3.00 -6.07
CA THR A 53 -42.30 2.32 -6.00
C THR A 53 -41.24 3.41 -6.14
N LYS A 54 -40.28 3.44 -5.22
CA LYS A 54 -39.13 4.35 -5.28
C LYS A 54 -38.23 3.80 -6.39
N VAL A 55 -37.83 4.68 -7.32
CA VAL A 55 -36.99 4.31 -8.49
C VAL A 55 -35.90 5.34 -8.69
N ALA A 56 -34.94 5.06 -9.58
CA ALA A 56 -33.89 5.98 -9.98
C ALA A 56 -34.13 6.17 -11.45
N VAL A 57 -34.01 7.41 -11.89
CA VAL A 57 -34.30 7.80 -13.26
C VAL A 57 -33.06 8.47 -13.87
N LYS A 58 -32.64 8.01 -15.07
CA LYS A 58 -31.54 8.64 -15.83
C LYS A 58 -32.17 9.45 -16.94
N MET A 59 -31.69 10.66 -17.05
CA MET A 59 -32.09 11.64 -18.05
C MET A 59 -30.83 12.39 -18.49
N LEU A 60 -30.93 13.09 -19.61
CA LEU A 60 -29.85 13.89 -20.18
C LEU A 60 -29.73 15.23 -19.44
N LYS A 61 -28.51 15.76 -19.36
CA LYS A 61 -28.26 17.07 -18.74
C LYS A 61 -28.74 18.17 -19.72
N SER A 62 -28.97 19.41 -19.22
CA SER A 62 -29.48 20.56 -20.00
C SER A 62 -28.73 20.83 -21.32
N ASP A 63 -27.40 20.62 -21.34
CA ASP A 63 -26.54 20.86 -22.49
C ASP A 63 -26.10 19.56 -23.21
N ALA A 64 -27.00 18.55 -23.25
CA ALA A 64 -26.73 17.26 -23.88
C ALA A 64 -26.68 17.37 -25.40
N THR A 65 -25.78 16.59 -26.03
CA THR A 65 -25.59 16.55 -27.49
C THR A 65 -26.41 15.41 -28.12
N GLU A 66 -26.50 15.38 -29.47
CA GLU A 66 -27.22 14.36 -30.24
C GLU A 66 -26.64 12.97 -29.95
N LYS A 67 -25.31 12.89 -29.71
CA LYS A 67 -24.61 11.64 -29.37
C LYS A 67 -24.91 11.21 -27.93
N ASP A 68 -25.07 12.19 -27.01
CA ASP A 68 -25.45 11.92 -25.61
C ASP A 68 -26.80 11.22 -25.60
N LEU A 69 -27.75 11.68 -26.45
CA LEU A 69 -29.09 11.14 -26.64
C LEU A 69 -29.04 9.73 -27.22
N SER A 70 -28.21 9.51 -28.25
CA SER A 70 -28.06 8.21 -28.90
C SER A 70 -27.42 7.21 -27.95
N ASP A 71 -26.51 7.67 -27.07
CA ASP A 71 -25.86 6.85 -26.05
C ASP A 71 -26.86 6.37 -25.00
N LEU A 72 -27.83 7.23 -24.60
CA LEU A 72 -28.86 6.87 -23.61
C LEU A 72 -29.82 5.84 -24.18
N ILE A 73 -30.19 6.01 -25.47
CA ILE A 73 -31.07 5.08 -26.21
C ILE A 73 -30.43 3.71 -26.26
N SER A 74 -29.18 3.64 -26.77
CA SER A 74 -28.46 2.38 -26.85
C SER A 74 -28.25 1.73 -25.47
N GLU A 75 -28.03 2.53 -24.42
CA GLU A 75 -27.91 2.00 -23.05
C GLU A 75 -29.22 1.34 -22.62
N MET A 76 -30.37 2.02 -22.87
CA MET A 76 -31.73 1.53 -22.58
C MET A 76 -32.00 0.23 -23.35
N GLU A 77 -31.71 0.24 -24.67
CA GLU A 77 -31.90 -0.94 -25.53
C GLU A 77 -31.10 -2.13 -25.07
N MET A 78 -29.87 -1.90 -24.60
CA MET A 78 -29.05 -2.99 -24.09
C MET A 78 -29.65 -3.55 -22.79
N MET A 79 -30.02 -2.66 -21.85
CA MET A 79 -30.63 -3.08 -20.57
C MET A 79 -31.87 -3.93 -20.81
N LYS A 80 -32.66 -3.62 -21.87
CA LYS A 80 -33.87 -4.39 -22.26
C LYS A 80 -33.50 -5.83 -22.62
N MET A 81 -32.33 -6.02 -23.28
CA MET A 81 -31.87 -7.33 -23.73
C MET A 81 -31.21 -8.17 -22.66
N ILE A 82 -30.55 -7.55 -21.68
CA ILE A 82 -29.84 -8.29 -20.61
C ILE A 82 -30.80 -9.16 -19.75
N GLY A 83 -31.98 -8.63 -19.42
CA GLY A 83 -32.95 -9.38 -18.64
C GLY A 83 -32.68 -9.22 -17.16
N LYS A 84 -33.62 -9.64 -16.34
CA LYS A 84 -33.60 -9.53 -14.89
C LYS A 84 -32.67 -10.47 -14.16
N HIS A 85 -32.00 -9.96 -13.13
CA HIS A 85 -31.18 -10.72 -12.21
C HIS A 85 -31.13 -9.96 -10.91
N LYS A 86 -31.21 -10.69 -9.78
CA LYS A 86 -31.11 -10.17 -8.41
C LYS A 86 -29.83 -9.32 -8.22
N ASN A 87 -28.72 -9.68 -8.89
CA ASN A 87 -27.47 -8.96 -8.66
C ASN A 87 -27.02 -8.00 -9.78
N ILE A 88 -27.97 -7.45 -10.53
CA ILE A 88 -27.72 -6.38 -11.50
C ILE A 88 -28.81 -5.32 -11.27
N ILE A 89 -28.50 -4.02 -11.52
CA ILE A 89 -29.51 -2.97 -11.44
C ILE A 89 -30.47 -3.19 -12.63
N ASN A 90 -31.71 -3.57 -12.33
CA ASN A 90 -32.68 -3.91 -13.36
C ASN A 90 -33.52 -2.76 -13.84
N LEU A 91 -33.76 -2.75 -15.17
CA LEU A 91 -34.60 -1.80 -15.86
C LEU A 91 -36.08 -2.01 -15.40
N LEU A 92 -36.77 -0.95 -15.11
CA LEU A 92 -38.17 -1.03 -14.68
C LEU A 92 -39.14 -0.38 -15.66
N GLY A 93 -38.68 0.57 -16.45
CA GLY A 93 -39.55 1.30 -17.37
C GLY A 93 -38.85 2.43 -18.11
N ALA A 94 -39.63 3.16 -18.90
CA ALA A 94 -39.09 4.31 -19.65
C ALA A 94 -40.18 5.23 -20.09
N CYS A 95 -39.88 6.53 -20.16
CA CYS A 95 -40.76 7.59 -20.66
C CYS A 95 -40.09 8.06 -21.94
N THR A 96 -40.68 7.72 -23.09
CA THR A 96 -40.09 8.02 -24.40
C THR A 96 -40.90 8.99 -25.26
N GLN A 97 -42.19 9.14 -24.92
CA GLN A 97 -43.16 9.94 -25.66
C GLN A 97 -43.43 11.28 -25.03
N ASP A 98 -43.56 12.32 -25.89
CA ASP A 98 -43.93 13.70 -25.59
C ASP A 98 -43.15 14.34 -24.43
N GLY A 99 -41.83 14.33 -24.58
CA GLY A 99 -40.92 14.88 -23.58
C GLY A 99 -39.57 14.22 -23.54
N PRO A 100 -38.73 14.60 -22.53
CA PRO A 100 -37.36 14.05 -22.46
C PRO A 100 -37.30 12.55 -22.15
N LEU A 101 -36.27 11.86 -22.66
CA LEU A 101 -36.08 10.44 -22.44
C LEU A 101 -35.71 10.13 -20.98
N TYR A 102 -36.55 9.33 -20.30
CA TYR A 102 -36.29 8.89 -18.93
C TYR A 102 -36.08 7.39 -18.95
N VAL A 103 -34.97 6.91 -18.37
CA VAL A 103 -34.65 5.50 -18.25
C VAL A 103 -34.77 5.20 -16.76
N ILE A 104 -35.72 4.34 -16.39
CA ILE A 104 -36.11 4.03 -15.01
C ILE A 104 -35.60 2.68 -14.52
N VAL A 105 -34.89 2.68 -13.40
CA VAL A 105 -34.32 1.45 -12.86
C VAL A 105 -34.67 1.33 -11.38
N GLU A 106 -34.32 0.17 -10.78
CA GLU A 106 -34.48 -0.09 -9.35
C GLU A 106 -33.65 0.92 -8.54
N TYR A 107 -34.14 1.27 -7.36
CA TYR A 107 -33.48 2.19 -6.45
C TYR A 107 -32.73 1.38 -5.41
N ALA A 108 -31.46 1.75 -5.20
CA ALA A 108 -30.51 1.16 -4.25
C ALA A 108 -30.26 2.23 -3.19
N SER A 109 -30.96 2.13 -2.05
CA SER A 109 -30.92 3.15 -0.99
C SER A 109 -29.61 3.25 -0.22
N LYS A 110 -28.77 2.20 -0.19
CA LYS A 110 -27.52 2.32 0.58
C LYS A 110 -26.29 2.72 -0.29
N GLY A 111 -26.58 3.32 -1.45
CA GLY A 111 -25.58 3.87 -2.37
C GLY A 111 -24.65 2.88 -3.04
N ASN A 112 -23.44 3.33 -3.38
CA ASN A 112 -22.46 2.48 -4.03
C ASN A 112 -21.68 1.67 -3.00
N LEU A 113 -21.09 0.53 -3.42
CA LEU A 113 -20.38 -0.38 -2.53
C LEU A 113 -19.11 0.27 -1.88
N ARG A 114 -18.43 1.19 -2.56
CA ARG A 114 -17.29 1.91 -1.99
C ARG A 114 -17.78 2.73 -0.76
N GLU A 115 -18.89 3.48 -0.92
CA GLU A 115 -19.51 4.29 0.13
C GLU A 115 -20.06 3.40 1.25
N TYR A 116 -20.78 2.32 0.87
CA TYR A 116 -21.37 1.34 1.80
C TYR A 116 -20.33 0.76 2.75
N LEU A 117 -19.16 0.38 2.21
CA LEU A 117 -18.03 -0.19 2.95
C LEU A 117 -17.35 0.80 3.90
N GLN A 118 -17.01 2.01 3.39
CA GLN A 118 -16.36 3.07 4.17
C GLN A 118 -17.18 3.49 5.39
N ALA A 119 -18.51 3.56 5.24
CA ALA A 119 -19.42 3.92 6.34
C ALA A 119 -19.49 2.83 7.43
N ARG A 120 -19.09 1.60 7.11
CA ARG A 120 -19.18 0.47 8.03
C ARG A 120 -17.81 0.02 8.58
N ARG A 121 -16.78 0.88 8.43
CA ARG A 121 -15.45 0.66 9.00
C ARG A 121 -15.51 0.86 10.53
N PRO A 122 -14.61 0.25 11.36
CA PRO A 122 -14.63 0.54 12.81
C PRO A 122 -14.36 2.02 13.05
N PRO A 123 -14.83 2.58 14.19
CA PRO A 123 -14.58 4.02 14.46
C PRO A 123 -13.22 4.34 15.04
N GLN A 138 -21.72 -2.33 11.16
CA GLN A 138 -20.47 -3.10 11.07
C GLN A 138 -20.66 -4.42 10.30
N LEU A 139 -19.60 -4.89 9.61
CA LEU A 139 -19.65 -6.08 8.76
C LEU A 139 -18.75 -7.20 9.20
N SER A 140 -19.31 -8.42 9.33
CA SER A 140 -18.52 -9.61 9.70
C SER A 140 -17.76 -10.10 8.46
N SER A 141 -16.83 -11.06 8.67
CA SER A 141 -16.05 -11.68 7.60
C SER A 141 -16.97 -12.39 6.62
N LYS A 142 -18.03 -13.06 7.12
CA LYS A 142 -19.01 -13.73 6.28
C LYS A 142 -19.79 -12.77 5.39
N ASP A 143 -20.13 -11.54 5.87
CA ASP A 143 -20.86 -10.53 5.09
C ASP A 143 -20.05 -10.04 3.91
N LEU A 144 -18.72 -9.87 4.12
CA LEU A 144 -17.77 -9.40 3.13
C LEU A 144 -17.60 -10.42 2.01
N VAL A 145 -17.55 -11.72 2.38
CA VAL A 145 -17.45 -12.84 1.44
C VAL A 145 -18.75 -12.93 0.64
N SER A 146 -19.90 -12.74 1.32
CA SER A 146 -21.25 -12.73 0.71
C SER A 146 -21.35 -11.61 -0.34
N CYS A 147 -20.80 -10.40 -0.03
N CYS A 147 -20.83 -10.42 -0.02
CA CYS A 147 -20.73 -9.24 -0.93
CA CYS A 147 -20.80 -9.28 -0.91
C CYS A 147 -20.02 -9.65 -2.21
C CYS A 147 -20.01 -9.61 -2.20
N ALA A 148 -18.85 -10.30 -2.06
CA ALA A 148 -18.02 -10.74 -3.19
C ALA A 148 -18.76 -11.85 -3.98
N TYR A 149 -19.44 -12.75 -3.27
CA TYR A 149 -20.22 -13.80 -3.93
C TYR A 149 -21.33 -13.19 -4.83
N GLN A 150 -22.08 -12.22 -4.30
CA GLN A 150 -23.16 -11.55 -5.00
C GLN A 150 -22.72 -10.83 -6.24
N VAL A 151 -21.60 -10.10 -6.17
CA VAL A 151 -21.03 -9.38 -7.32
C VAL A 151 -20.59 -10.43 -8.35
N ALA A 152 -19.90 -11.52 -7.91
CA ALA A 152 -19.48 -12.58 -8.84
C ALA A 152 -20.69 -13.22 -9.54
N ARG A 153 -21.80 -13.41 -8.79
CA ARG A 153 -23.06 -13.98 -9.34
C ARG A 153 -23.71 -13.07 -10.42
N GLY A 154 -23.69 -11.77 -10.18
CA GLY A 154 -24.17 -10.77 -11.13
C GLY A 154 -23.32 -10.74 -12.39
N MET A 155 -21.99 -10.85 -12.21
CA MET A 155 -21.01 -10.88 -13.32
C MET A 155 -21.14 -12.15 -14.14
N GLU A 156 -21.39 -13.31 -13.46
CA GLU A 156 -21.61 -14.60 -14.13
C GLU A 156 -22.86 -14.51 -15.04
N TYR A 157 -23.93 -13.87 -14.53
CA TYR A 157 -25.16 -13.65 -15.28
C TYR A 157 -24.89 -12.76 -16.49
N LEU A 158 -24.21 -11.59 -16.33
CA LEU A 158 -23.86 -10.70 -17.46
C LEU A 158 -23.02 -11.41 -18.52
N ALA A 159 -22.05 -12.24 -18.10
CA ALA A 159 -21.21 -13.03 -19.00
C ALA A 159 -22.05 -14.03 -19.79
N SER A 160 -23.03 -14.71 -19.12
CA SER A 160 -23.93 -15.67 -19.79
C SER A 160 -24.80 -14.95 -20.86
N LYS A 161 -24.99 -13.62 -20.70
CA LYS A 161 -25.74 -12.78 -21.63
C LYS A 161 -24.81 -12.18 -22.68
N LYS A 162 -23.56 -12.68 -22.74
CA LYS A 162 -22.53 -12.29 -23.72
C LYS A 162 -22.03 -10.86 -23.52
N CYS A 163 -22.22 -10.32 -22.30
N CYS A 163 -22.22 -10.33 -22.32
CA CYS A 163 -21.82 -8.96 -21.95
CA CYS A 163 -21.90 -8.95 -21.97
C CYS A 163 -20.49 -8.86 -21.25
C CYS A 163 -20.57 -8.80 -21.19
N ILE A 164 -19.77 -7.80 -21.59
CA ILE A 164 -18.48 -7.43 -21.01
C ILE A 164 -18.74 -6.10 -20.35
N HIS A 165 -18.41 -6.00 -19.08
CA HIS A 165 -18.63 -4.80 -18.32
C HIS A 165 -17.70 -3.66 -18.72
N ARG A 166 -16.35 -3.88 -18.65
CA ARG A 166 -15.28 -2.89 -18.97
C ARG A 166 -14.95 -1.95 -17.80
N ASP A 167 -15.88 -1.73 -16.87
CA ASP A 167 -15.68 -0.80 -15.77
C ASP A 167 -16.09 -1.38 -14.40
N LEU A 168 -15.84 -2.68 -14.18
CA LEU A 168 -16.17 -3.26 -12.88
C LEU A 168 -15.27 -2.71 -11.78
N ALA A 169 -15.89 -2.17 -10.73
CA ALA A 169 -15.27 -1.51 -9.56
C ALA A 169 -16.39 -1.36 -8.54
N ALA A 170 -16.06 -1.14 -7.24
CA ALA A 170 -17.07 -0.98 -6.17
C ALA A 170 -18.01 0.21 -6.39
N ARG A 171 -17.51 1.28 -7.05
CA ARG A 171 -18.30 2.47 -7.37
C ARG A 171 -19.42 2.14 -8.34
N ASN A 172 -19.25 1.07 -9.16
CA ASN A 172 -20.26 0.59 -10.12
C ASN A 172 -21.08 -0.58 -9.57
N VAL A 173 -21.09 -0.73 -8.23
CA VAL A 173 -21.90 -1.73 -7.55
C VAL A 173 -22.79 -0.95 -6.61
N LEU A 174 -24.10 -1.22 -6.68
CA LEU A 174 -25.08 -0.55 -5.86
C LEU A 174 -25.61 -1.46 -4.77
N VAL A 175 -25.98 -0.88 -3.63
CA VAL A 175 -26.48 -1.66 -2.50
C VAL A 175 -27.91 -1.19 -2.17
N THR A 176 -28.89 -2.11 -2.13
CA THR A 176 -30.28 -1.80 -1.78
C THR A 176 -30.46 -1.75 -0.27
N GLU A 177 -31.68 -1.39 0.17
CA GLU A 177 -32.10 -1.32 1.57
C GLU A 177 -31.88 -2.66 2.30
N ASP A 178 -32.00 -3.78 1.57
CA ASP A 178 -31.85 -5.14 2.10
C ASP A 178 -30.48 -5.72 1.85
N ASN A 179 -29.48 -4.84 1.59
CA ASN A 179 -28.05 -5.19 1.42
C ASN A 179 -27.74 -6.10 0.24
N VAL A 180 -28.56 -6.05 -0.81
CA VAL A 180 -28.36 -6.84 -2.03
C VAL A 180 -27.42 -6.03 -2.92
N MET A 181 -26.35 -6.68 -3.39
CA MET A 181 -25.38 -6.11 -4.32
C MET A 181 -25.99 -6.14 -5.72
N LYS A 182 -25.93 -5.01 -6.43
CA LYS A 182 -26.46 -4.88 -7.79
C LYS A 182 -25.43 -4.21 -8.69
N ILE A 183 -24.95 -4.94 -9.70
CA ILE A 183 -23.99 -4.37 -10.67
C ILE A 183 -24.69 -3.27 -11.51
N ALA A 184 -24.01 -2.16 -11.69
CA ALA A 184 -24.48 -1.00 -12.42
C ALA A 184 -23.34 -0.53 -13.30
N ASP A 185 -23.55 0.58 -14.01
CA ASP A 185 -22.51 1.23 -14.80
C ASP A 185 -22.86 2.69 -15.01
N PHE A 186 -22.11 3.61 -14.41
CA PHE A 186 -22.32 5.06 -14.51
C PHE A 186 -21.37 5.69 -15.53
N ILE A 195 -11.16 6.52 -24.53
CA ILE A 195 -11.08 6.94 -23.12
C ILE A 195 -9.72 7.56 -22.75
N ASP A 196 -9.75 8.56 -21.84
CA ASP A 196 -8.59 9.27 -21.33
C ASP A 196 -8.10 8.59 -20.04
N TYR A 197 -6.85 8.09 -20.06
CA TYR A 197 -6.22 7.38 -18.95
C TYR A 197 -5.90 8.25 -17.74
N TYR A 198 -5.83 9.59 -17.94
CA TYR A 198 -5.48 10.58 -16.92
C TYR A 198 -6.68 11.19 -16.17
N LYS A 199 -7.91 11.01 -16.68
CA LYS A 199 -9.15 11.53 -16.08
C LYS A 199 -9.53 10.76 -14.80
N LYS A 200 -9.75 11.50 -13.70
CA LYS A 200 -10.10 10.96 -12.39
C LYS A 200 -11.62 10.94 -12.12
N THR A 201 -12.05 10.08 -11.19
CA THR A 201 -13.44 9.95 -10.72
C THR A 201 -13.71 11.14 -9.77
N THR A 202 -14.96 11.32 -9.29
CA THR A 202 -15.33 12.40 -8.36
C THR A 202 -14.49 12.31 -7.06
N ASN A 203 -14.24 11.07 -6.56
CA ASN A 203 -13.44 10.78 -5.35
C ASN A 203 -11.92 11.06 -5.55
N GLY A 204 -11.49 11.22 -6.81
CA GLY A 204 -10.09 11.48 -7.16
C GLY A 204 -9.28 10.23 -7.46
N ARG A 205 -9.97 9.14 -7.90
CA ARG A 205 -9.36 7.84 -8.24
C ARG A 205 -9.27 7.65 -9.75
N LEU A 206 -8.22 6.95 -10.20
CA LEU A 206 -7.97 6.68 -11.62
C LEU A 206 -8.53 5.32 -12.09
N PRO A 207 -9.56 5.32 -12.99
CA PRO A 207 -10.14 4.03 -13.46
C PRO A 207 -9.18 3.00 -14.08
N VAL A 208 -7.98 3.45 -14.57
CA VAL A 208 -6.92 2.60 -15.12
C VAL A 208 -6.45 1.56 -14.09
N LYS A 209 -6.65 1.88 -12.79
CA LYS A 209 -6.25 1.04 -11.67
C LYS A 209 -7.08 -0.25 -11.53
N TRP A 210 -8.20 -0.36 -12.26
CA TRP A 210 -9.04 -1.57 -12.28
C TRP A 210 -8.88 -2.39 -13.57
N MET A 211 -8.07 -1.88 -14.53
CA MET A 211 -7.94 -2.47 -15.85
C MET A 211 -6.85 -3.51 -16.02
N ALA A 212 -7.21 -4.66 -16.62
CA ALA A 212 -6.24 -5.70 -16.93
C ALA A 212 -5.15 -5.13 -17.87
N PRO A 213 -3.87 -5.59 -17.76
CA PRO A 213 -2.82 -5.08 -18.66
C PRO A 213 -3.20 -5.13 -20.13
N GLU A 214 -3.75 -6.27 -20.63
CA GLU A 214 -4.13 -6.41 -22.03
C GLU A 214 -5.29 -5.48 -22.44
N ALA A 215 -6.17 -5.12 -21.50
CA ALA A 215 -7.23 -4.17 -21.80
C ALA A 215 -6.60 -2.77 -21.93
N LEU A 216 -5.75 -2.44 -20.98
CA LEU A 216 -5.05 -1.18 -20.90
C LEU A 216 -4.10 -0.91 -22.07
N PHE A 217 -3.13 -1.80 -22.30
CA PHE A 217 -2.10 -1.66 -23.31
C PHE A 217 -2.50 -2.12 -24.73
N ASP A 218 -3.30 -3.19 -24.85
CA ASP A 218 -3.66 -3.77 -26.15
C ASP A 218 -5.13 -3.57 -26.54
N ARG A 219 -5.90 -2.80 -25.73
CA ARG A 219 -7.31 -2.55 -25.96
C ARG A 219 -8.16 -3.85 -26.13
N ILE A 220 -7.71 -5.00 -25.55
CA ILE A 220 -8.40 -6.29 -25.58
C ILE A 220 -9.30 -6.45 -24.33
N TYR A 221 -10.62 -6.39 -24.56
CA TYR A 221 -11.65 -6.51 -23.53
C TYR A 221 -12.40 -7.82 -23.65
N THR A 222 -12.41 -8.60 -22.56
CA THR A 222 -13.04 -9.90 -22.46
C THR A 222 -13.63 -10.08 -21.07
N HIS A 223 -14.25 -11.24 -20.81
CA HIS A 223 -14.70 -11.63 -19.48
C HIS A 223 -13.44 -11.80 -18.60
N GLN A 224 -12.32 -12.23 -19.20
CA GLN A 224 -11.00 -12.40 -18.52
C GLN A 224 -10.46 -11.06 -18.01
N SER A 225 -10.62 -9.96 -18.79
CA SER A 225 -10.21 -8.62 -18.33
C SER A 225 -11.14 -8.11 -17.20
N ASP A 226 -12.43 -8.49 -17.25
CA ASP A 226 -13.43 -8.21 -16.21
C ASP A 226 -13.11 -8.97 -14.93
N VAL A 227 -12.59 -10.21 -15.05
CA VAL A 227 -12.20 -11.03 -13.91
C VAL A 227 -11.00 -10.34 -13.21
N TRP A 228 -10.05 -9.77 -14.00
CA TRP A 228 -8.95 -8.97 -13.40
C TRP A 228 -9.57 -7.83 -12.53
N SER A 229 -10.53 -7.07 -13.10
CA SER A 229 -11.26 -5.99 -12.42
C SER A 229 -11.94 -6.47 -11.15
N PHE A 230 -12.56 -7.67 -11.21
CA PHE A 230 -13.20 -8.30 -10.05
C PHE A 230 -12.18 -8.55 -8.89
N GLY A 231 -10.92 -8.82 -9.24
CA GLY A 231 -9.85 -9.03 -8.29
C GLY A 231 -9.55 -7.77 -7.55
N VAL A 232 -9.52 -6.63 -8.29
CA VAL A 232 -9.34 -5.31 -7.67
C VAL A 232 -10.58 -5.00 -6.78
N LEU A 233 -11.79 -5.41 -7.21
CA LEU A 233 -13.02 -5.21 -6.45
C LEU A 233 -12.99 -6.03 -5.13
N LEU A 234 -12.47 -7.28 -5.17
CA LEU A 234 -12.27 -8.09 -3.94
C LEU A 234 -11.36 -7.36 -2.99
N TRP A 235 -10.26 -6.78 -3.52
CA TRP A 235 -9.30 -6.03 -2.71
C TRP A 235 -9.99 -4.84 -2.05
N GLU A 236 -10.87 -4.15 -2.80
CA GLU A 236 -11.67 -3.02 -2.34
C GLU A 236 -12.60 -3.44 -1.21
N ILE A 237 -13.23 -4.65 -1.32
CA ILE A 237 -14.14 -5.19 -0.29
C ILE A 237 -13.39 -5.49 1.00
N PHE A 238 -12.24 -6.16 0.88
CA PHE A 238 -11.51 -6.58 2.07
C PHE A 238 -10.69 -5.46 2.73
N THR A 239 -10.58 -4.26 2.10
CA THR A 239 -9.93 -3.07 2.70
C THR A 239 -11.03 -2.09 3.09
N LEU A 240 -12.29 -2.56 2.99
CA LEU A 240 -13.50 -1.80 3.34
C LEU A 240 -13.60 -0.47 2.62
N GLY A 241 -13.44 -0.50 1.31
CA GLY A 241 -13.51 0.71 0.48
C GLY A 241 -12.17 1.40 0.31
N GLY A 242 -11.09 0.64 0.40
CA GLY A 242 -9.76 1.18 0.21
C GLY A 242 -9.47 1.50 -1.24
N SER A 243 -8.65 2.52 -1.44
CA SER A 243 -8.24 3.06 -2.73
C SER A 243 -7.02 2.27 -3.29
N PRO A 244 -7.09 1.67 -4.50
CA PRO A 244 -5.93 0.94 -5.02
C PRO A 244 -4.82 1.91 -5.39
N TYR A 245 -3.57 1.50 -5.14
CA TYR A 245 -2.37 2.30 -5.44
C TYR A 245 -2.56 3.81 -5.12
N PRO A 246 -2.76 4.20 -3.84
CA PRO A 246 -2.94 5.63 -3.55
C PRO A 246 -1.66 6.42 -3.83
N GLY A 247 -1.79 7.56 -4.52
CA GLY A 247 -0.68 8.44 -4.91
C GLY A 247 0.12 7.96 -6.12
N VAL A 248 -0.29 6.86 -6.75
CA VAL A 248 0.44 6.33 -7.92
C VAL A 248 -0.13 6.94 -9.21
N PRO A 249 0.66 7.73 -9.97
CA PRO A 249 0.13 8.30 -11.22
C PRO A 249 0.11 7.22 -12.31
N VAL A 250 -0.53 7.54 -13.46
CA VAL A 250 -0.71 6.65 -14.63
C VAL A 250 0.61 6.04 -15.14
N GLU A 251 1.63 6.89 -15.42
CA GLU A 251 2.94 6.45 -15.90
C GLU A 251 3.61 5.44 -14.95
N GLU A 252 3.46 5.65 -13.62
CA GLU A 252 4.02 4.77 -12.59
C GLU A 252 3.20 3.49 -12.46
N LEU A 253 1.88 3.57 -12.66
CA LEU A 253 1.04 2.38 -12.65
C LEU A 253 1.44 1.45 -13.82
N PHE A 254 1.67 2.04 -15.02
CA PHE A 254 2.11 1.31 -16.22
C PHE A 254 3.38 0.54 -15.94
N LYS A 255 4.35 1.19 -15.26
CA LYS A 255 5.61 0.59 -14.84
C LYS A 255 5.39 -0.59 -13.87
N LEU A 256 4.55 -0.40 -12.82
CA LEU A 256 4.18 -1.45 -11.86
C LEU A 256 3.57 -2.66 -12.59
N LEU A 257 2.65 -2.40 -13.56
CA LEU A 257 2.04 -3.47 -14.36
C LEU A 257 3.06 -4.22 -15.24
N LYS A 258 3.99 -3.48 -15.89
CA LYS A 258 5.02 -4.08 -16.74
C LYS A 258 5.97 -4.97 -15.95
N GLU A 259 6.25 -4.60 -14.68
CA GLU A 259 7.14 -5.33 -13.77
C GLU A 259 6.47 -6.54 -13.10
N GLY A 260 5.16 -6.70 -13.29
CA GLY A 260 4.38 -7.78 -12.72
C GLY A 260 4.06 -7.54 -11.25
N HIS A 261 4.02 -6.26 -10.85
CA HIS A 261 3.72 -5.88 -9.47
C HIS A 261 2.25 -6.16 -9.18
N ARG A 262 1.96 -6.57 -7.93
CA ARG A 262 0.63 -6.92 -7.44
C ARG A 262 0.42 -6.28 -6.07
N MET A 263 -0.81 -5.87 -5.80
CA MET A 263 -1.17 -5.23 -4.55
C MET A 263 -0.97 -6.19 -3.40
N ASP A 264 -0.62 -5.62 -2.25
CA ASP A 264 -0.35 -6.33 -1.01
C ASP A 264 -1.62 -6.99 -0.49
N LYS A 265 -1.50 -8.00 0.37
CA LYS A 265 -2.63 -8.67 0.97
C LYS A 265 -3.28 -7.74 1.99
N PRO A 266 -4.58 -7.44 1.90
CA PRO A 266 -5.19 -6.59 2.94
C PRO A 266 -5.13 -7.28 4.32
N SER A 267 -5.25 -6.47 5.40
CA SER A 267 -5.32 -6.98 6.78
C SER A 267 -6.71 -7.69 6.87
N ASN A 268 -6.87 -8.68 7.73
CA ASN A 268 -8.13 -9.44 7.86
C ASN A 268 -8.63 -9.96 6.47
N CYS A 269 -7.74 -10.71 5.82
CA CYS A 269 -8.01 -11.36 4.55
C CYS A 269 -7.29 -12.67 4.62
N THR A 270 -8.01 -13.77 4.38
CA THR A 270 -7.43 -15.11 4.47
C THR A 270 -6.41 -15.35 3.35
N ASN A 271 -5.58 -16.39 3.48
CA ASN A 271 -4.61 -16.73 2.44
C ASN A 271 -5.36 -17.15 1.17
N GLU A 272 -6.46 -17.91 1.34
CA GLU A 272 -7.34 -18.42 0.28
C GLU A 272 -7.98 -17.27 -0.53
N LEU A 273 -8.48 -16.21 0.15
CA LEU A 273 -9.08 -15.09 -0.55
C LEU A 273 -8.04 -14.20 -1.25
N TYR A 274 -6.80 -14.16 -0.71
CA TYR A 274 -5.71 -13.40 -1.34
C TYR A 274 -5.22 -14.16 -2.58
N MET A 275 -5.20 -15.50 -2.50
CA MET A 275 -4.81 -16.31 -3.65
C MET A 275 -5.88 -16.15 -4.77
N MET A 276 -7.16 -16.03 -4.40
CA MET A 276 -8.24 -15.75 -5.33
C MET A 276 -7.99 -14.43 -6.08
N MET A 277 -7.65 -13.35 -5.35
CA MET A 277 -7.29 -12.03 -5.92
C MET A 277 -6.14 -12.17 -6.89
N ARG A 278 -5.05 -12.88 -6.49
CA ARG A 278 -3.84 -13.11 -7.29
C ARG A 278 -4.13 -13.91 -8.55
N ASP A 279 -5.01 -14.91 -8.44
CA ASP A 279 -5.43 -15.72 -9.60
C ASP A 279 -6.22 -14.89 -10.62
N CYS A 280 -7.06 -13.97 -10.12
CA CYS A 280 -7.83 -13.00 -10.90
C CYS A 280 -6.86 -12.11 -11.64
N TRP A 281 -5.69 -11.82 -11.02
CA TRP A 281 -4.64 -10.98 -11.60
C TRP A 281 -3.54 -11.80 -12.30
N HIS A 282 -3.87 -12.99 -12.84
CA HIS A 282 -2.87 -13.78 -13.59
C HIS A 282 -2.45 -12.99 -14.81
N ALA A 283 -1.12 -12.92 -15.10
CA ALA A 283 -0.59 -12.24 -16.29
C ALA A 283 -1.16 -12.86 -17.58
N VAL A 284 -1.44 -14.18 -17.56
CA VAL A 284 -2.00 -14.91 -18.70
C VAL A 284 -3.50 -14.97 -18.55
N PRO A 285 -4.23 -14.24 -19.44
CA PRO A 285 -5.69 -14.16 -19.27
C PRO A 285 -6.44 -15.49 -19.26
N SER A 286 -5.97 -16.48 -20.06
CA SER A 286 -6.61 -17.81 -20.12
C SER A 286 -6.44 -18.59 -18.80
N GLN A 287 -5.49 -18.18 -17.97
CA GLN A 287 -5.19 -18.86 -16.72
C GLN A 287 -5.96 -18.31 -15.52
N ARG A 288 -6.68 -17.18 -15.70
CA ARG A 288 -7.49 -16.57 -14.64
C ARG A 288 -8.72 -17.42 -14.42
N PRO A 289 -9.30 -17.48 -13.21
CA PRO A 289 -10.56 -18.23 -13.06
C PRO A 289 -11.68 -17.50 -13.81
N THR A 290 -12.75 -18.20 -14.15
CA THR A 290 -13.90 -17.59 -14.82
C THR A 290 -14.85 -17.14 -13.71
N PHE A 291 -15.91 -16.36 -14.04
CA PHE A 291 -16.90 -15.97 -13.03
C PHE A 291 -17.68 -17.17 -12.52
N LYS A 292 -17.94 -18.16 -13.39
CA LYS A 292 -18.60 -19.41 -13.03
C LYS A 292 -17.81 -20.13 -11.88
N GLN A 293 -16.48 -20.25 -12.03
N GLN A 293 -16.47 -20.26 -12.04
CA GLN A 293 -15.58 -20.86 -11.05
CA GLN A 293 -15.54 -20.85 -11.06
C GLN A 293 -15.57 -20.02 -9.75
C GLN A 293 -15.56 -20.03 -9.76
N LEU A 294 -15.49 -18.69 -9.88
CA LEU A 294 -15.51 -17.74 -8.74
C LEU A 294 -16.78 -17.84 -7.89
N VAL A 295 -17.94 -18.04 -8.54
CA VAL A 295 -19.23 -18.24 -7.88
C VAL A 295 -19.20 -19.53 -7.03
N GLU A 296 -18.74 -20.65 -7.63
CA GLU A 296 -18.58 -21.95 -6.95
C GLU A 296 -17.64 -21.85 -5.71
N ASP A 297 -16.46 -21.22 -5.88
CA ASP A 297 -15.47 -21.03 -4.82
C ASP A 297 -16.01 -20.09 -3.74
N LEU A 298 -16.62 -18.96 -4.16
CA LEU A 298 -17.17 -18.01 -3.20
C LEU A 298 -18.34 -18.62 -2.45
N ASP A 299 -19.15 -19.46 -3.11
CA ASP A 299 -20.28 -20.14 -2.47
C ASP A 299 -19.79 -21.05 -1.31
N ARG A 300 -18.72 -21.84 -1.59
CA ARG A 300 -18.07 -22.74 -0.65
C ARG A 300 -17.44 -21.96 0.53
N ILE A 301 -16.67 -20.88 0.22
CA ILE A 301 -16.04 -20.01 1.23
C ILE A 301 -17.12 -19.38 2.14
N VAL A 302 -18.18 -18.73 1.57
CA VAL A 302 -19.28 -18.12 2.36
C VAL A 302 -19.72 -19.09 3.49
N ALA A 303 -20.08 -20.33 3.11
CA ALA A 303 -20.53 -21.39 4.04
C ALA A 303 -19.51 -21.75 5.11
N LEU A 304 -18.21 -21.59 4.85
CA LEU A 304 -17.18 -21.92 5.85
C LEU A 304 -16.63 -20.69 6.59
N THR A 305 -17.06 -19.48 6.21
CA THR A 305 -16.60 -18.23 6.83
C THR A 305 -17.49 -17.92 8.02
N SER A 306 -16.87 -17.69 9.19
CA SER A 306 -17.66 -17.38 10.37
C SER A 306 -18.22 -15.94 10.38
N ASN A 307 -19.41 -15.82 10.97
N ASN A 307 -19.41 -15.79 10.99
CA ASN A 307 -20.10 -14.55 11.19
CA ASN A 307 -20.11 -14.52 11.19
C ASN A 307 -19.88 -14.05 12.65
C ASN A 307 -19.78 -13.98 12.62
N GLN A 308 -19.02 -14.74 13.42
CA GLN A 308 -18.67 -14.40 14.82
C GLN A 308 -17.62 -13.27 14.99
N GLU A 309 -17.03 -12.80 13.89
CA GLU A 309 -16.06 -11.69 13.83
C GLU A 309 -15.85 -11.24 12.38
N SER B 5 44.73 19.03 7.81
CA SER B 5 44.43 17.63 7.47
C SER B 5 44.85 17.19 6.04
N GLU B 6 45.21 18.15 5.18
CA GLU B 6 45.67 17.89 3.81
C GLU B 6 47.01 17.15 3.81
N TYR B 7 47.87 17.47 4.81
CA TYR B 7 49.20 16.90 4.99
C TYR B 7 49.22 15.77 6.03
N GLU B 8 48.58 15.95 7.17
CA GLU B 8 48.50 14.95 8.25
C GLU B 8 47.33 15.20 9.17
N LEU B 9 46.73 14.10 9.67
CA LEU B 9 45.61 14.14 10.59
C LEU B 9 46.12 14.16 12.02
N PRO B 10 45.30 14.64 13.00
CA PRO B 10 45.70 14.56 14.41
C PRO B 10 45.84 13.10 14.84
N GLU B 11 46.68 12.84 15.82
CA GLU B 11 46.88 11.49 16.35
C GLU B 11 45.91 11.21 17.49
N ASP B 12 45.54 9.94 17.66
CA ASP B 12 44.71 9.43 18.76
C ASP B 12 45.12 7.97 18.99
N PRO B 13 46.19 7.79 19.82
CA PRO B 13 46.75 6.44 20.06
C PRO B 13 45.80 5.39 20.61
N ARG B 14 44.76 5.81 21.36
CA ARG B 14 43.73 4.95 21.96
C ARG B 14 43.03 4.11 20.88
N TRP B 15 42.89 4.67 19.67
CA TRP B 15 42.17 4.08 18.55
C TRP B 15 43.05 3.63 17.39
N GLU B 16 44.29 4.15 17.31
CA GLU B 16 45.25 3.88 16.22
C GLU B 16 45.63 2.41 16.05
N LEU B 17 45.45 1.89 14.83
CA LEU B 17 45.82 0.51 14.50
C LEU B 17 46.92 0.53 13.44
N PRO B 18 48.07 -0.14 13.69
CA PRO B 18 49.12 -0.21 12.66
C PRO B 18 48.59 -0.88 11.40
N ARG B 19 48.93 -0.31 10.22
CA ARG B 19 48.50 -0.74 8.90
C ARG B 19 48.92 -2.18 8.52
N ASP B 20 50.05 -2.66 9.06
CA ASP B 20 50.55 -4.04 8.88
C ASP B 20 49.62 -5.05 9.58
N ARG B 21 48.81 -4.59 10.55
CA ARG B 21 47.85 -5.40 11.30
C ARG B 21 46.45 -5.39 10.66
N LEU B 22 46.35 -4.88 9.41
CA LEU B 22 45.11 -4.80 8.65
C LEU B 22 45.34 -5.26 7.22
N VAL B 23 44.53 -6.24 6.76
CA VAL B 23 44.58 -6.81 5.42
C VAL B 23 43.23 -6.55 4.76
N LEU B 24 43.19 -5.63 3.78
CA LEU B 24 41.98 -5.26 3.06
C LEU B 24 41.50 -6.37 2.12
N GLY B 25 40.18 -6.56 2.08
CA GLY B 25 39.53 -7.59 1.30
C GLY B 25 38.51 -7.03 0.33
N LYS B 26 37.46 -7.84 0.06
CA LYS B 26 36.39 -7.55 -0.88
C LYS B 26 35.54 -6.32 -0.56
N PRO B 27 35.08 -5.57 -1.60
CA PRO B 27 34.17 -4.46 -1.32
C PRO B 27 32.85 -4.97 -0.74
N LEU B 28 32.28 -4.21 0.21
CA LEU B 28 31.01 -4.48 0.89
C LEU B 28 29.97 -3.43 0.47
N GLY B 29 30.47 -2.32 -0.11
CA GLY B 29 29.64 -1.21 -0.58
C GLY B 29 30.43 0.03 -0.98
N GLU B 30 29.73 0.99 -1.63
CA GLU B 30 30.28 2.27 -2.14
C GLU B 30 29.17 3.32 -2.25
N GLY B 31 29.53 4.59 -2.00
CA GLY B 31 28.62 5.71 -2.07
C GLY B 31 29.32 7.05 -2.16
N GLY B 34 31.94 7.48 0.41
CA GLY B 34 33.16 6.69 0.39
C GLY B 34 32.93 5.28 -0.11
N GLN B 35 33.65 4.33 0.46
CA GLN B 35 33.53 2.93 0.10
C GLN B 35 33.83 2.10 1.34
N VAL B 36 33.15 0.95 1.44
CA VAL B 36 33.23 0.02 2.55
C VAL B 36 33.75 -1.31 2.02
N VAL B 37 34.82 -1.81 2.63
CA VAL B 37 35.43 -3.09 2.27
C VAL B 37 35.51 -4.00 3.50
N LEU B 38 35.51 -5.30 3.25
CA LEU B 38 35.68 -6.29 4.32
C LEU B 38 37.18 -6.36 4.54
N ALA B 39 37.61 -6.52 5.80
CA ALA B 39 39.03 -6.65 6.14
C ALA B 39 39.22 -7.64 7.27
N GLU B 40 40.49 -8.00 7.50
CA GLU B 40 40.93 -8.87 8.59
C GLU B 40 41.90 -8.04 9.42
N ALA B 41 41.58 -7.89 10.72
CA ALA B 41 42.41 -7.14 11.66
C ALA B 41 43.03 -8.07 12.69
N ILE B 42 44.35 -7.94 12.91
CA ILE B 42 45.15 -8.81 13.79
C ILE B 42 45.38 -8.18 15.18
N GLY B 43 44.87 -8.86 16.20
CA GLY B 43 44.99 -8.46 17.61
C GLY B 43 44.53 -7.07 17.95
N LEU B 44 43.21 -6.80 17.80
CA LEU B 44 42.58 -5.50 18.09
C LEU B 44 42.56 -5.20 19.60
N ASP B 45 42.20 -6.23 20.42
CA ASP B 45 42.11 -6.15 21.87
C ASP B 45 42.98 -7.23 22.52
N PRO B 49 44.85 -10.09 21.34
CA PRO B 49 46.28 -10.34 21.58
C PRO B 49 47.08 -10.63 20.31
N ASN B 50 46.63 -11.61 19.48
CA ASN B 50 47.26 -12.03 18.21
C ASN B 50 46.25 -12.70 17.25
N ARG B 51 44.94 -12.66 17.63
CA ARG B 51 43.83 -13.25 16.89
C ARG B 51 43.38 -12.45 15.65
N VAL B 52 42.82 -13.16 14.65
CA VAL B 52 42.30 -12.57 13.42
C VAL B 52 40.79 -12.33 13.56
N THR B 53 40.36 -11.09 13.27
CA THR B 53 38.97 -10.64 13.39
C THR B 53 38.50 -10.04 12.06
N LYS B 54 37.34 -10.50 11.57
CA LYS B 54 36.73 -9.96 10.36
C LYS B 54 36.11 -8.60 10.74
N VAL B 55 36.53 -7.53 10.04
CA VAL B 55 36.06 -6.16 10.29
C VAL B 55 35.60 -5.53 8.97
N ALA B 56 34.91 -4.38 9.05
CA ALA B 56 34.55 -3.59 7.88
C ALA B 56 35.32 -2.27 7.97
N VAL B 57 35.78 -1.76 6.82
CA VAL B 57 36.59 -0.54 6.75
C VAL B 57 35.99 0.47 5.78
N LYS B 58 35.76 1.70 6.26
CA LYS B 58 35.27 2.79 5.46
C LYS B 58 36.45 3.72 5.17
N MET B 59 36.62 4.07 3.92
CA MET B 59 37.67 4.96 3.47
C MET B 59 37.09 5.89 2.45
N LEU B 60 37.83 6.93 2.05
CA LEU B 60 37.39 7.82 0.97
C LEU B 60 37.60 7.10 -0.36
N LYS B 61 36.91 7.56 -1.40
CA LYS B 61 37.14 7.07 -2.76
C LYS B 61 38.31 7.90 -3.33
N SER B 62 38.94 7.45 -4.43
CA SER B 62 40.07 8.16 -5.04
C SER B 62 39.71 9.56 -5.57
N ASP B 63 38.42 9.87 -5.73
CA ASP B 63 38.00 11.20 -6.22
C ASP B 63 37.53 12.13 -5.10
N ALA B 64 37.82 11.77 -3.85
CA ALA B 64 37.38 12.58 -2.72
C ALA B 64 38.18 13.84 -2.61
N THR B 65 37.53 14.88 -2.05
CA THR B 65 38.10 16.21 -1.83
C THR B 65 38.36 16.34 -0.33
N GLU B 66 38.94 17.49 0.08
CA GLU B 66 39.22 17.83 1.47
C GLU B 66 37.95 17.82 2.33
N LYS B 67 36.81 18.28 1.78
CA LYS B 67 35.52 18.33 2.50
C LYS B 67 35.05 16.94 2.87
N ASP B 68 35.14 15.98 1.93
CA ASP B 68 34.81 14.57 2.11
C ASP B 68 35.67 13.96 3.21
N LEU B 69 36.95 14.40 3.31
CA LEU B 69 37.86 13.94 4.36
C LEU B 69 37.39 14.50 5.70
N SER B 70 37.10 15.83 5.79
CA SER B 70 36.55 16.48 7.01
C SER B 70 35.31 15.71 7.51
N ASP B 71 34.43 15.31 6.58
CA ASP B 71 33.21 14.55 6.87
C ASP B 71 33.54 13.20 7.46
N LEU B 72 34.53 12.48 6.84
CA LEU B 72 34.95 11.17 7.33
C LEU B 72 35.61 11.26 8.73
N ILE B 73 36.30 12.38 9.01
CA ILE B 73 36.89 12.62 10.33
C ILE B 73 35.78 12.89 11.36
N SER B 74 34.80 13.76 11.02
CA SER B 74 33.69 14.11 11.92
C SER B 74 32.93 12.84 12.32
N GLU B 75 32.63 11.99 11.31
CA GLU B 75 31.96 10.70 11.47
C GLU B 75 32.70 9.79 12.50
N MET B 76 34.01 9.58 12.33
CA MET B 76 34.88 8.81 13.22
C MET B 76 34.83 9.37 14.65
N GLU B 77 35.03 10.71 14.81
CA GLU B 77 35.01 11.43 16.08
C GLU B 77 33.67 11.28 16.77
N MET B 78 32.58 11.41 16.01
CA MET B 78 31.23 11.23 16.52
C MET B 78 31.05 9.81 17.05
N MET B 79 31.58 8.79 16.34
CA MET B 79 31.50 7.39 16.78
C MET B 79 32.21 7.14 18.09
N LYS B 80 33.39 7.78 18.29
CA LYS B 80 34.16 7.70 19.53
C LYS B 80 33.33 8.23 20.73
N MET B 81 32.65 9.38 20.53
CA MET B 81 31.84 10.09 21.52
C MET B 81 30.56 9.32 21.88
N ILE B 82 29.94 8.61 20.90
CA ILE B 82 28.72 7.82 21.09
C ILE B 82 28.99 6.63 22.05
N GLY B 83 30.10 5.93 21.83
CA GLY B 83 30.53 4.80 22.66
C GLY B 83 29.87 3.49 22.32
N LYS B 84 30.33 2.39 22.95
CA LYS B 84 29.83 1.03 22.73
C LYS B 84 28.40 0.77 23.21
N HIS B 85 27.62 0.10 22.36
CA HIS B 85 26.27 -0.40 22.64
C HIS B 85 26.04 -1.63 21.80
N LYS B 86 25.36 -2.64 22.39
CA LYS B 86 25.06 -3.93 21.73
C LYS B 86 24.31 -3.77 20.41
N ASN B 87 23.48 -2.70 20.27
CA ASN B 87 22.64 -2.47 19.11
C ASN B 87 23.03 -1.28 18.21
N ILE B 88 24.29 -0.88 18.27
CA ILE B 88 24.85 0.10 17.35
C ILE B 88 26.12 -0.54 16.80
N ILE B 89 26.47 -0.29 15.53
CA ILE B 89 27.70 -0.76 14.90
C ILE B 89 28.88 -0.17 15.74
N ASN B 90 29.69 -1.04 16.35
N ASN B 90 29.70 -1.05 16.36
CA ASN B 90 30.73 -0.53 17.24
CA ASN B 90 30.81 -0.65 17.24
C ASN B 90 32.09 -0.33 16.54
C ASN B 90 32.10 -0.33 16.50
N LEU B 91 32.71 0.84 16.80
CA LEU B 91 33.98 1.31 16.27
C LEU B 91 35.11 0.49 16.92
N LEU B 92 35.99 -0.11 16.11
CA LEU B 92 37.07 -0.94 16.65
C LEU B 92 38.43 -0.24 16.59
N GLY B 93 38.54 0.74 15.72
CA GLY B 93 39.78 1.48 15.57
C GLY B 93 39.84 2.31 14.30
N ALA B 94 41.05 2.82 14.00
CA ALA B 94 41.33 3.67 12.84
C ALA B 94 42.80 3.71 12.49
N CYS B 95 43.09 3.89 11.19
CA CYS B 95 44.41 4.14 10.62
C CYS B 95 44.27 5.57 10.15
N THR B 96 44.92 6.53 10.81
CA THR B 96 44.81 7.95 10.46
C THR B 96 46.15 8.52 9.98
N GLN B 97 47.24 7.84 10.37
CA GLN B 97 48.60 8.27 10.12
C GLN B 97 49.16 7.58 8.92
N ASP B 98 50.06 8.30 8.21
CA ASP B 98 50.85 7.86 7.08
C ASP B 98 50.07 7.06 6.06
N GLY B 99 49.05 7.68 5.51
CA GLY B 99 48.25 7.05 4.48
C GLY B 99 46.79 7.36 4.60
N PRO B 100 45.95 6.73 3.73
CA PRO B 100 44.51 7.01 3.74
C PRO B 100 43.85 6.71 5.07
N LEU B 101 42.85 7.51 5.43
CA LEU B 101 42.05 7.33 6.63
C LEU B 101 41.16 6.10 6.49
N TYR B 102 41.25 5.19 7.46
CA TYR B 102 40.44 3.98 7.54
C TYR B 102 39.63 4.03 8.84
N VAL B 103 38.31 3.86 8.75
CA VAL B 103 37.42 3.87 9.93
C VAL B 103 36.96 2.41 10.06
N ILE B 104 37.47 1.73 11.08
CA ILE B 104 37.26 0.29 11.30
C ILE B 104 36.14 0.04 12.31
N VAL B 105 35.17 -0.81 11.93
CA VAL B 105 34.03 -1.21 12.74
C VAL B 105 33.83 -2.72 12.67
N GLU B 106 32.91 -3.28 13.49
CA GLU B 106 32.55 -4.71 13.53
C GLU B 106 32.00 -5.19 12.19
N TYR B 107 32.17 -6.50 11.90
CA TYR B 107 31.58 -7.10 10.69
C TYR B 107 30.20 -7.69 11.02
N ALA B 108 29.19 -7.31 10.24
CA ALA B 108 27.81 -7.80 10.35
C ALA B 108 27.62 -8.68 9.11
N SER B 109 27.80 -9.99 9.29
CA SER B 109 27.79 -11.01 8.22
C SER B 109 26.46 -11.27 7.52
N LYS B 110 25.33 -10.82 8.08
CA LYS B 110 24.03 -11.10 7.46
C LYS B 110 23.43 -9.88 6.74
N GLY B 111 24.31 -8.94 6.36
CA GLY B 111 23.97 -7.74 5.61
C GLY B 111 23.09 -6.78 6.38
N ASN B 112 22.23 -6.05 5.64
CA ASN B 112 21.29 -5.11 6.25
C ASN B 112 19.95 -5.78 6.57
N LEU B 113 19.15 -5.15 7.42
CA LEU B 113 17.85 -5.66 7.86
C LEU B 113 16.86 -5.91 6.68
N ARG B 114 16.86 -5.04 5.65
CA ARG B 114 16.02 -5.17 4.46
C ARG B 114 16.32 -6.51 3.73
N GLU B 115 17.61 -6.79 3.45
CA GLU B 115 18.06 -8.02 2.76
C GLU B 115 17.76 -9.23 3.62
N TYR B 116 18.08 -9.14 4.94
CA TYR B 116 17.90 -10.15 5.96
C TYR B 116 16.45 -10.63 6.01
N LEU B 117 15.49 -9.69 6.00
CA LEU B 117 14.06 -10.01 6.04
C LEU B 117 13.60 -10.60 4.72
N GLN B 118 14.14 -10.08 3.60
CA GLN B 118 13.80 -10.50 2.24
C GLN B 118 14.20 -11.92 1.93
N ALA B 119 15.37 -12.35 2.42
CA ALA B 119 15.93 -13.70 2.23
C ALA B 119 15.25 -14.73 3.12
N ARG B 120 14.52 -14.26 4.14
CA ARG B 120 13.86 -15.11 5.12
C ARG B 120 12.34 -15.12 4.96
N ARG B 121 11.88 -14.70 3.75
CA ARG B 121 10.47 -14.72 3.38
C ARG B 121 9.99 -16.19 3.16
N PRO B 122 8.87 -16.62 3.79
CA PRO B 122 8.41 -18.01 3.61
C PRO B 122 7.69 -18.22 2.28
N GLN B 138 10.97 -18.85 8.04
CA GLN B 138 12.29 -18.75 8.67
C GLN B 138 12.25 -17.98 10.00
N LEU B 139 11.71 -16.72 9.99
CA LEU B 139 11.56 -15.88 11.18
C LEU B 139 10.17 -16.04 11.81
N SER B 140 10.12 -16.21 13.15
CA SER B 140 8.88 -16.30 13.91
C SER B 140 8.34 -14.89 14.21
N SER B 141 7.09 -14.80 14.71
CA SER B 141 6.48 -13.52 15.10
C SER B 141 7.31 -12.85 16.21
N LYS B 142 7.82 -13.65 17.18
CA LYS B 142 8.66 -13.18 18.29
C LYS B 142 9.93 -12.52 17.76
N ASP B 143 10.60 -13.17 16.76
CA ASP B 143 11.85 -12.71 16.09
C ASP B 143 11.65 -11.34 15.47
N LEU B 144 10.49 -11.13 14.82
CA LEU B 144 10.18 -9.86 14.18
C LEU B 144 10.04 -8.76 15.22
N VAL B 145 9.28 -9.04 16.30
CA VAL B 145 9.10 -8.11 17.42
C VAL B 145 10.47 -7.86 18.10
N SER B 146 11.34 -8.89 18.13
CA SER B 146 12.68 -8.82 18.71
C SER B 146 13.57 -7.83 17.93
N CYS B 147 13.45 -7.82 16.56
CA CYS B 147 14.20 -6.92 15.69
C CYS B 147 13.82 -5.50 16.05
N ALA B 148 12.52 -5.25 16.15
CA ALA B 148 11.89 -3.99 16.54
C ALA B 148 12.41 -3.48 17.89
N TYR B 149 12.47 -4.38 18.92
CA TYR B 149 12.99 -4.07 20.27
C TYR B 149 14.49 -3.67 20.24
N GLN B 150 15.33 -4.48 19.55
CA GLN B 150 16.76 -4.27 19.41
C GLN B 150 17.08 -2.94 18.72
N VAL B 151 16.34 -2.61 17.64
CA VAL B 151 16.51 -1.34 16.93
C VAL B 151 16.13 -0.18 17.87
N ALA B 152 14.95 -0.27 18.58
CA ALA B 152 14.47 0.74 19.52
C ALA B 152 15.44 0.96 20.67
N ARG B 153 16.04 -0.15 21.19
CA ARG B 153 17.04 -0.11 22.26
C ARG B 153 18.24 0.70 21.79
N GLY B 154 18.70 0.41 20.58
CA GLY B 154 19.84 1.08 19.94
C GLY B 154 19.60 2.56 19.76
N MET B 155 18.35 2.92 19.33
CA MET B 155 17.93 4.29 19.14
C MET B 155 17.77 5.04 20.46
N GLU B 156 17.26 4.38 21.53
CA GLU B 156 17.13 5.01 22.86
C GLU B 156 18.54 5.41 23.39
N TYR B 157 19.55 4.54 23.14
CA TYR B 157 20.94 4.80 23.50
C TYR B 157 21.47 6.01 22.71
N LEU B 158 21.35 5.99 21.36
CA LEU B 158 21.76 7.11 20.50
C LEU B 158 21.15 8.41 21.00
N ALA B 159 19.82 8.41 21.27
CA ALA B 159 19.08 9.55 21.82
C ALA B 159 19.65 10.04 23.17
N SER B 160 20.04 9.10 24.07
CA SER B 160 20.66 9.42 25.36
C SER B 160 22.05 10.03 25.16
N LYS B 161 22.68 9.73 24.00
CA LYS B 161 23.98 10.30 23.66
C LYS B 161 23.81 11.55 22.80
N LYS B 162 22.58 12.13 22.80
CA LYS B 162 22.19 13.37 22.12
C LYS B 162 22.41 13.34 20.60
N CYS B 163 22.22 12.16 19.98
N CYS B 163 22.22 12.16 19.98
CA CYS B 163 22.43 11.92 18.56
CA CYS B 163 22.41 12.01 18.55
C CYS B 163 21.09 11.69 17.83
C CYS B 163 21.11 11.71 17.83
N ILE B 164 20.82 12.51 16.79
CA ILE B 164 19.63 12.38 15.95
C ILE B 164 20.11 11.67 14.70
N HIS B 165 19.53 10.49 14.38
CA HIS B 165 19.92 9.69 13.23
C HIS B 165 19.66 10.39 11.89
N ARG B 166 18.41 10.85 11.63
CA ARG B 166 17.93 11.52 10.39
C ARG B 166 17.69 10.58 9.22
N ASP B 167 18.19 9.33 9.28
CA ASP B 167 18.02 8.42 8.15
C ASP B 167 17.76 6.96 8.60
N LEU B 168 16.95 6.80 9.67
CA LEU B 168 16.65 5.45 10.17
C LEU B 168 15.76 4.72 9.16
N ALA B 169 16.20 3.54 8.73
CA ALA B 169 15.51 2.67 7.79
C ALA B 169 16.14 1.31 7.94
N ALA B 170 15.49 0.24 7.43
CA ALA B 170 16.05 -1.13 7.50
C ALA B 170 17.39 -1.21 6.76
N ARG B 171 17.59 -0.41 5.71
CA ARG B 171 18.85 -0.34 4.94
C ARG B 171 20.05 0.08 5.79
N ASN B 172 19.80 0.82 6.91
CA ASN B 172 20.80 1.33 7.83
C ASN B 172 20.91 0.54 9.15
N VAL B 173 20.35 -0.66 9.15
CA VAL B 173 20.42 -1.55 10.29
C VAL B 173 21.15 -2.77 9.78
N LEU B 174 22.26 -3.14 10.43
CA LEU B 174 23.05 -4.29 10.03
C LEU B 174 22.75 -5.47 10.93
N VAL B 175 22.93 -6.70 10.40
CA VAL B 175 22.64 -7.95 11.13
C VAL B 175 23.90 -8.84 11.21
N THR B 176 24.27 -9.24 12.44
CA THR B 176 25.45 -10.07 12.67
C THR B 176 25.12 -11.54 12.47
N GLU B 177 26.18 -12.39 12.55
CA GLU B 177 26.09 -13.85 12.48
C GLU B 177 25.13 -14.36 13.54
N ASP B 178 25.10 -13.70 14.70
CA ASP B 178 24.25 -14.11 15.82
C ASP B 178 22.94 -13.33 15.89
N ASN B 179 22.49 -12.78 14.74
CA ASN B 179 21.21 -12.10 14.54
C ASN B 179 21.00 -10.90 15.46
N VAL B 180 22.06 -10.13 15.68
CA VAL B 180 21.96 -8.95 16.54
C VAL B 180 21.76 -7.75 15.63
N MET B 181 20.76 -6.90 15.94
CA MET B 181 20.49 -5.68 15.16
C MET B 181 21.50 -4.62 15.55
N LYS B 182 22.06 -3.93 14.55
CA LYS B 182 23.06 -2.89 14.78
C LYS B 182 22.82 -1.65 13.93
N ILE B 183 22.43 -0.55 14.57
CA ILE B 183 22.23 0.73 13.89
C ILE B 183 23.58 1.15 13.24
N ALA B 184 23.48 1.60 11.99
CA ALA B 184 24.58 2.10 11.17
C ALA B 184 24.05 3.31 10.38
N ASP B 185 24.90 3.90 9.53
CA ASP B 185 24.56 4.96 8.59
C ASP B 185 25.55 4.98 7.40
N PHE B 186 25.02 4.87 6.18
CA PHE B 186 25.81 4.85 4.93
C PHE B 186 25.43 6.04 4.05
N ILE B 195 19.45 18.26 1.17
CA ILE B 195 18.93 16.94 0.76
C ILE B 195 18.24 17.03 -0.61
N ASP B 196 18.57 16.07 -1.51
CA ASP B 196 17.96 15.94 -2.83
C ASP B 196 16.82 14.94 -2.64
N TYR B 197 15.57 15.42 -2.70
CA TYR B 197 14.38 14.60 -2.49
C TYR B 197 14.14 13.54 -3.57
N TYR B 198 14.81 13.66 -4.73
CA TYR B 198 14.64 12.77 -5.88
C TYR B 198 15.70 11.68 -5.99
N LYS B 199 16.79 11.77 -5.20
CA LYS B 199 17.85 10.76 -5.20
C LYS B 199 17.33 9.42 -4.67
N LYS B 200 17.30 8.42 -5.57
CA LYS B 200 16.87 7.06 -5.28
C LYS B 200 18.06 6.23 -4.83
N THR B 201 17.80 5.20 -3.98
CA THR B 201 18.84 4.27 -3.51
C THR B 201 19.26 3.31 -4.65
N THR B 202 20.28 2.45 -4.39
CA THR B 202 20.77 1.44 -5.34
C THR B 202 19.66 0.43 -5.66
N ASN B 203 18.76 0.21 -4.68
CA ASN B 203 17.60 -0.70 -4.75
C ASN B 203 16.36 0.00 -5.37
N GLY B 204 16.53 1.26 -5.78
CA GLY B 204 15.51 2.08 -6.44
C GLY B 204 14.38 2.68 -5.60
N ARG B 205 14.60 2.84 -4.28
CA ARG B 205 13.60 3.41 -3.37
C ARG B 205 13.90 4.89 -3.06
N LEU B 206 12.90 5.62 -2.51
CA LEU B 206 13.04 7.03 -2.15
C LEU B 206 13.12 7.28 -0.64
N PRO B 207 14.31 7.68 -0.12
CA PRO B 207 14.44 7.96 1.34
C PRO B 207 13.49 9.00 1.95
N VAL B 208 12.76 9.78 1.13
CA VAL B 208 11.78 10.76 1.63
C VAL B 208 10.61 10.05 2.32
N LYS B 209 10.35 8.80 1.92
CA LYS B 209 9.30 7.92 2.46
C LYS B 209 9.54 7.48 3.92
N TRP B 210 10.69 7.80 4.50
CA TRP B 210 10.96 7.48 5.91
C TRP B 210 10.97 8.78 6.74
N MET B 211 10.92 9.93 6.07
CA MET B 211 11.02 11.22 6.77
C MET B 211 9.71 11.72 7.38
N ALA B 212 9.79 12.24 8.63
CA ALA B 212 8.67 12.85 9.36
C ALA B 212 8.25 14.09 8.59
N PRO B 213 6.95 14.47 8.55
CA PRO B 213 6.57 15.67 7.80
C PRO B 213 7.27 16.95 8.26
N GLU B 214 7.57 17.09 9.56
CA GLU B 214 8.24 18.31 10.03
C GLU B 214 9.70 18.38 9.57
N ALA B 215 10.37 17.23 9.33
CA ALA B 215 11.74 17.18 8.79
C ALA B 215 11.68 17.49 7.28
N LEU B 216 10.73 16.88 6.58
CA LEU B 216 10.50 17.04 5.16
C LEU B 216 10.05 18.48 4.79
N PHE B 217 9.03 19.01 5.49
CA PHE B 217 8.43 20.32 5.22
C PHE B 217 8.99 21.48 6.02
N ASP B 218 9.55 21.24 7.23
CA ASP B 218 10.01 22.36 8.05
C ASP B 218 11.48 22.25 8.43
N ARG B 219 12.17 21.18 7.98
CA ARG B 219 13.58 20.89 8.26
C ARG B 219 13.89 20.84 9.80
N ILE B 220 12.92 20.29 10.58
CA ILE B 220 12.98 20.09 12.03
C ILE B 220 13.39 18.65 12.26
N TYR B 221 14.57 18.46 12.83
CA TYR B 221 15.11 17.13 13.09
C TYR B 221 15.26 16.93 14.59
N THR B 222 14.48 15.99 15.14
CA THR B 222 14.51 15.72 16.59
C THR B 222 14.51 14.22 16.81
N HIS B 223 14.48 13.79 18.09
CA HIS B 223 14.39 12.38 18.46
C HIS B 223 13.06 11.82 18.03
N GLN B 224 11.99 12.66 18.08
CA GLN B 224 10.63 12.34 17.64
C GLN B 224 10.51 12.23 16.11
N SER B 225 11.41 12.89 15.34
CA SER B 225 11.37 12.74 13.87
C SER B 225 11.98 11.35 13.52
N ASP B 226 12.90 10.84 14.35
CA ASP B 226 13.47 9.49 14.20
C ASP B 226 12.43 8.46 14.63
N VAL B 227 11.53 8.81 15.58
CA VAL B 227 10.42 7.96 16.03
C VAL B 227 9.48 7.65 14.81
N TRP B 228 9.18 8.67 14.01
CA TRP B 228 8.39 8.55 12.79
C TRP B 228 9.09 7.56 11.83
N SER B 229 10.42 7.73 11.60
CA SER B 229 11.21 6.82 10.74
C SER B 229 11.16 5.42 11.32
N PHE B 230 11.24 5.28 12.66
CA PHE B 230 11.14 3.96 13.32
C PHE B 230 9.79 3.28 13.04
N GLY B 231 8.74 4.09 12.86
CA GLY B 231 7.40 3.60 12.51
C GLY B 231 7.39 2.94 11.14
N VAL B 232 8.11 3.56 10.17
CA VAL B 232 8.23 3.04 8.79
C VAL B 232 9.08 1.79 8.85
N LEU B 233 10.13 1.79 9.69
CA LEU B 233 10.99 0.62 9.90
C LEU B 233 10.14 -0.55 10.46
N LEU B 234 9.17 -0.27 11.38
CA LEU B 234 8.25 -1.31 11.89
C LEU B 234 7.45 -1.90 10.74
N TRP B 235 6.93 -1.02 9.85
CA TRP B 235 6.19 -1.43 8.64
C TRP B 235 7.07 -2.34 7.78
N GLU B 236 8.35 -1.96 7.57
CA GLU B 236 9.34 -2.72 6.82
C GLU B 236 9.57 -4.07 7.45
N ILE B 237 9.66 -4.14 8.81
CA ILE B 237 9.86 -5.40 9.55
C ILE B 237 8.68 -6.34 9.32
N PHE B 238 7.47 -5.81 9.48
CA PHE B 238 6.24 -6.60 9.48
C PHE B 238 5.71 -6.94 8.06
N THR B 239 6.34 -6.40 6.97
CA THR B 239 6.07 -6.77 5.56
C THR B 239 7.30 -7.53 5.05
N LEU B 240 8.23 -7.89 5.97
CA LEU B 240 9.49 -8.61 5.67
C LEU B 240 10.29 -7.95 4.54
N GLY B 241 10.66 -6.69 4.75
CA GLY B 241 11.45 -5.90 3.81
C GLY B 241 10.67 -5.35 2.63
N GLY B 242 9.40 -5.06 2.86
CA GLY B 242 8.53 -4.49 1.83
C GLY B 242 8.92 -3.07 1.48
N SER B 243 8.48 -2.65 0.32
CA SER B 243 8.81 -1.33 -0.20
C SER B 243 7.72 -0.31 0.14
N PRO B 244 8.03 0.78 0.89
CA PRO B 244 6.99 1.77 1.23
C PRO B 244 6.52 2.56 0.01
N TYR B 245 5.22 2.75 -0.10
CA TYR B 245 4.57 3.47 -1.19
C TYR B 245 5.20 3.13 -2.60
N PRO B 246 5.09 1.88 -3.09
CA PRO B 246 5.65 1.58 -4.40
C PRO B 246 4.92 2.32 -5.52
N GLY B 247 5.70 2.94 -6.40
CA GLY B 247 5.20 3.70 -7.54
C GLY B 247 4.75 5.11 -7.23
N VAL B 248 4.99 5.58 -5.99
CA VAL B 248 4.60 6.92 -5.55
C VAL B 248 5.81 7.88 -5.71
N PRO B 249 5.73 8.87 -6.63
CA PRO B 249 6.83 9.82 -6.77
C PRO B 249 6.79 10.86 -5.66
N VAL B 250 7.88 11.64 -5.52
CA VAL B 250 8.09 12.68 -4.50
C VAL B 250 6.87 13.57 -4.26
N GLU B 251 6.40 14.27 -5.32
CA GLU B 251 5.27 15.20 -5.26
C GLU B 251 3.97 14.55 -4.79
N GLU B 252 3.76 13.27 -5.13
CA GLU B 252 2.56 12.54 -4.72
C GLU B 252 2.63 12.15 -3.25
N LEU B 253 3.84 11.84 -2.76
CA LEU B 253 4.08 11.51 -1.35
C LEU B 253 3.79 12.73 -0.46
N PHE B 254 4.26 13.94 -0.87
CA PHE B 254 3.99 15.19 -0.14
C PHE B 254 2.47 15.38 0.01
N LYS B 255 1.73 15.19 -1.11
CA LYS B 255 0.26 15.26 -1.20
C LYS B 255 -0.39 14.21 -0.27
N LEU B 256 0.16 12.97 -0.17
CA LEU B 256 -0.34 11.92 0.74
C LEU B 256 -0.15 12.33 2.22
N LEU B 257 1.01 12.89 2.55
CA LEU B 257 1.32 13.37 3.90
C LEU B 257 0.42 14.57 4.28
N LYS B 258 0.26 15.55 3.35
CA LYS B 258 -0.61 16.71 3.55
C LYS B 258 -2.04 16.27 3.85
N GLU B 259 -2.50 15.17 3.23
CA GLU B 259 -3.83 14.58 3.38
C GLU B 259 -3.98 13.74 4.63
N GLY B 260 -2.89 13.55 5.37
CA GLY B 260 -2.90 12.74 6.57
C GLY B 260 -3.01 11.26 6.22
N HIS B 261 -2.56 10.87 5.01
CA HIS B 261 -2.60 9.48 4.58
C HIS B 261 -1.59 8.70 5.39
N ARG B 262 -1.94 7.46 5.73
CA ARG B 262 -1.12 6.55 6.51
C ARG B 262 -1.14 5.16 5.85
N MET B 263 0.02 4.47 5.78
CA MET B 263 0.15 3.12 5.22
C MET B 263 -0.77 2.20 6.01
N ASP B 264 -1.53 1.34 5.29
CA ASP B 264 -2.47 0.39 5.90
C ASP B 264 -1.73 -0.70 6.68
N LYS B 265 -2.47 -1.41 7.53
CA LYS B 265 -1.96 -2.48 8.36
C LYS B 265 -1.49 -3.65 7.49
N PRO B 266 -0.20 -4.08 7.58
CA PRO B 266 0.22 -5.23 6.78
C PRO B 266 -0.42 -6.50 7.33
N SER B 267 -0.50 -7.55 6.49
CA SER B 267 -1.03 -8.85 6.91
C SER B 267 -0.06 -9.42 7.96
N ASN B 268 -0.55 -10.28 8.89
CA ASN B 268 0.26 -10.82 9.98
C ASN B 268 0.95 -9.69 10.81
N CYS B 269 0.14 -8.73 11.26
CA CYS B 269 0.51 -7.61 12.11
C CYS B 269 -0.65 -7.34 13.01
N THR B 270 -0.42 -7.40 14.33
CA THR B 270 -1.46 -7.19 15.33
C THR B 270 -1.97 -5.75 15.34
N ASN B 271 -3.23 -5.57 15.77
CA ASN B 271 -3.85 -4.25 15.96
C ASN B 271 -2.95 -3.35 16.83
N GLU B 272 -2.32 -3.94 17.87
CA GLU B 272 -1.41 -3.27 18.81
C GLU B 272 -0.09 -2.82 18.13
N LEU B 273 0.52 -3.70 17.31
CA LEU B 273 1.74 -3.35 16.58
C LEU B 273 1.46 -2.32 15.48
N TYR B 274 0.22 -2.30 14.95
CA TYR B 274 -0.16 -1.30 13.97
C TYR B 274 -0.48 0.02 14.68
N MET B 275 -1.04 -0.06 15.90
CA MET B 275 -1.36 1.11 16.73
C MET B 275 -0.06 1.79 17.09
N MET B 276 1.02 0.99 17.29
CA MET B 276 2.35 1.49 17.56
C MET B 276 2.88 2.28 16.34
N MET B 277 2.77 1.72 15.13
CA MET B 277 3.20 2.36 13.86
C MET B 277 2.49 3.68 13.72
N ARG B 278 1.13 3.66 13.81
CA ARG B 278 0.25 4.82 13.71
C ARG B 278 0.62 5.83 14.76
N ASP B 279 0.95 5.38 16.00
CA ASP B 279 1.39 6.25 17.09
C ASP B 279 2.71 6.96 16.75
N CYS B 280 3.65 6.26 16.06
CA CYS B 280 4.91 6.82 15.58
C CYS B 280 4.62 7.81 14.48
N TRP B 281 3.45 7.66 13.82
CA TRP B 281 3.05 8.52 12.73
C TRP B 281 2.06 9.63 13.13
N HIS B 282 2.04 10.03 14.43
CA HIS B 282 1.21 11.16 14.87
C HIS B 282 1.72 12.43 14.21
N ALA B 283 0.79 13.26 13.71
CA ALA B 283 1.09 14.55 13.08
C ALA B 283 1.95 15.43 14.04
N VAL B 284 1.50 15.53 15.31
CA VAL B 284 2.19 16.28 16.37
C VAL B 284 3.32 15.40 16.94
N PRO B 285 4.59 15.85 16.84
CA PRO B 285 5.72 15.03 17.36
C PRO B 285 5.70 14.70 18.85
N SER B 286 5.15 15.58 19.71
CA SER B 286 5.10 15.36 21.17
C SER B 286 4.10 14.25 21.52
N GLN B 287 3.19 13.97 20.59
CA GLN B 287 2.16 12.94 20.69
C GLN B 287 2.64 11.57 20.29
N ARG B 288 3.79 11.49 19.59
CA ARG B 288 4.43 10.23 19.17
C ARG B 288 5.11 9.66 20.43
N PRO B 289 5.24 8.32 20.60
CA PRO B 289 5.99 7.84 21.79
C PRO B 289 7.47 8.20 21.71
N THR B 290 8.16 8.11 22.84
CA THR B 290 9.60 8.36 22.86
C THR B 290 10.22 6.99 22.61
N PHE B 291 11.53 6.94 22.30
CA PHE B 291 12.25 5.66 22.16
C PHE B 291 12.19 4.88 23.49
N LYS B 292 12.27 5.60 24.64
CA LYS B 292 12.15 5.04 25.99
C LYS B 292 10.83 4.26 26.13
N GLN B 293 9.68 4.89 25.75
CA GLN B 293 8.35 4.28 25.79
C GLN B 293 8.25 3.12 24.80
N LEU B 294 8.89 3.27 23.62
CA LEU B 294 8.93 2.24 22.56
C LEU B 294 9.65 0.99 23.01
N VAL B 295 10.78 1.16 23.73
CA VAL B 295 11.59 0.08 24.31
C VAL B 295 10.79 -0.65 25.43
N GLU B 296 10.05 0.11 26.26
CA GLU B 296 9.26 -0.49 27.34
C GLU B 296 8.12 -1.33 26.79
N ASP B 297 7.32 -0.76 25.82
CA ASP B 297 6.21 -1.46 25.16
C ASP B 297 6.68 -2.68 24.38
N LEU B 298 7.78 -2.55 23.60
CA LEU B 298 8.32 -3.63 22.80
C LEU B 298 8.88 -4.78 23.63
N ASP B 299 9.50 -4.46 24.78
CA ASP B 299 10.03 -5.45 25.74
C ASP B 299 8.83 -6.30 26.24
N ARG B 300 7.72 -5.61 26.58
CA ARG B 300 6.49 -6.23 27.05
C ARG B 300 5.85 -7.11 25.96
N ILE B 301 5.77 -6.61 24.71
CA ILE B 301 5.17 -7.29 23.56
C ILE B 301 5.95 -8.57 23.19
N VAL B 302 7.31 -8.51 23.11
CA VAL B 302 8.23 -9.62 22.80
C VAL B 302 7.90 -10.82 23.69
N ALA B 303 7.86 -10.58 25.02
CA ALA B 303 7.57 -11.59 26.06
C ALA B 303 6.20 -12.25 25.91
N LEU B 304 5.22 -11.51 25.33
CA LEU B 304 3.86 -11.97 25.11
C LEU B 304 3.61 -12.52 23.68
N THR B 305 4.56 -12.30 22.75
CA THR B 305 4.47 -12.80 21.37
C THR B 305 5.15 -14.17 21.31
N SER B 306 4.55 -15.15 20.62
CA SER B 306 5.09 -16.51 20.53
C SER B 306 6.12 -16.73 19.41
N ASN B 307 6.86 -17.87 19.49
CA ASN B 307 7.84 -18.32 18.51
C ASN B 307 7.41 -19.64 17.86
S SO4 C . -44.00 -0.48 -17.23
O1 SO4 C . -44.50 -0.88 -18.54
O2 SO4 C . -44.91 0.49 -16.61
O3 SO4 C . -42.69 0.11 -17.34
O4 SO4 C . -43.92 -1.69 -16.40
S SO4 D . -11.84 -12.89 5.44
O1 SO4 D . -10.77 -12.99 4.46
O2 SO4 D . -12.63 -11.68 5.18
O3 SO4 D . -11.24 -12.80 6.77
O4 SO4 D . -12.69 -14.08 5.38
S SO4 E . -36.69 -11.78 -17.45
O1 SO4 E . -35.71 -10.85 -17.97
O2 SO4 E . -37.91 -11.02 -17.14
O3 SO4 E . -36.20 -12.46 -16.26
O4 SO4 E . -36.99 -12.80 -18.47
S SO4 F . -39.80 -9.33 -23.79
O1 SO4 F . -39.45 -9.06 -25.16
O2 SO4 F . -41.23 -9.16 -23.57
O3 SO4 F . -39.14 -8.35 -22.93
O4 SO4 F . -39.43 -10.70 -23.43
C1 EDO G . -20.94 -6.24 -25.40
O1 EDO G . -20.55 -6.52 -24.06
C2 EDO G . -21.19 -7.54 -26.26
O2 EDO G . -21.82 -7.24 -27.53
C1 EDO H . -2.75 -6.13 -9.35
O1 EDO H . -2.58 -5.86 -7.97
C2 EDO H . -3.13 -4.84 -10.03
O2 EDO H . -4.42 -4.54 -9.58
C1 EDO I . -16.78 -16.29 -17.84
O1 EDO I . -16.09 -15.47 -16.87
C2 EDO I . -18.14 -16.76 -17.28
O2 EDO I . -17.91 -17.76 -16.32
C1 EDO J . -2.29 9.97 -8.76
O1 EDO J . -2.56 10.17 -7.40
C2 EDO J . -2.24 11.33 -9.50
O2 EDO J . -2.18 11.12 -10.91
C1 EDO K . -41.98 -6.55 -20.05
O1 EDO K . -41.29 -7.54 -20.81
C2 EDO K . -41.24 -6.26 -18.71
O2 EDO K . -41.70 -5.03 -18.16
C1 EDO L . -24.33 -8.22 2.02
O1 EDO L . -25.22 -9.31 1.94
C2 EDO L . -23.95 -7.95 3.50
O2 EDO L . -23.33 -6.68 3.60
N1 0LI M . -30.07 3.51 -6.98
N3 0LI M . -22.86 -2.68 -19.84
C4 0LI M . -29.11 3.96 -11.68
C5 0LI M . -28.97 3.73 -13.09
C6 0LI M . -29.72 4.42 -14.03
C7 0LI M . -29.60 4.15 -15.37
C8 0LI M . -28.72 3.18 -15.81
C10 0LI M . -28.09 2.76 -13.54
C13 0LI M . -26.20 0.08 -17.15
C15 0LI M . -24.94 -0.84 -18.96
C17 0LI M . -25.23 -2.11 -16.98
C20 0LI M . -23.92 -3.10 -18.88
C21 0LI M . -21.67 -2.08 -19.21
C22 0LI M . -20.93 -1.37 -20.32
C24 0LI M . -22.51 -3.74 -20.84
C81 0LI M . -28.67 5.18 -5.81
C82 0LI M . -27.79 6.17 -5.98
C83 0LI M . -27.43 6.45 -7.39
N81 0LI M . -27.88 5.84 -8.44
N82 0LI M . -28.77 4.86 -8.15
C84 0LI M . -29.20 4.50 -6.91
C1 0LI M . -30.19 3.23 -8.32
C2 0LI M . -29.40 4.06 -9.07
C3 0LI M . -29.23 4.06 -10.49
C9 0LI M . -27.97 2.49 -14.89
C11 0LI M . -30.69 5.45 -13.56
C12 0LI M . -27.02 1.44 -15.29
O1 0LI M . -26.38 0.88 -14.42
N2 0LI M . -26.94 1.16 -16.64
C14 0LI M . -25.68 0.20 -18.43
C16 0LI M . -24.71 -2.00 -18.25
C18 0LI M . -25.98 -1.08 -16.43
C19 0LI M . -25.02 -3.35 -16.17
F1 0LI M . -25.49 -4.44 -16.82
F2 0LI M . -23.74 -3.59 -15.84
F3 0LI M . -25.67 -3.38 -14.98
C23 0LI M . -21.58 -3.18 -21.92
C25 0LI M . -19.48 -1.91 -22.23
N4 0LI M . -20.47 -2.43 -21.27
S SO4 N . 16.31 0.22 0.29
O1 SO4 N . 15.72 -0.61 -0.74
O2 SO4 N . 15.40 0.23 1.41
O3 SO4 N . 16.46 1.55 -0.23
O4 SO4 N . 17.62 -0.32 0.67
S SO4 O . 3.20 -9.86 14.39
O1 SO4 O . 3.21 -8.46 13.97
O2 SO4 O . 1.81 -10.34 14.39
O3 SO4 O . 3.76 -9.98 15.74
O4 SO4 O . 4.00 -10.66 13.45
C1 EDO P . 16.96 -17.69 0.38
O1 EDO P . 17.07 -16.51 -0.39
C2 EDO P . 18.03 -18.71 -0.06
O2 EDO P . 17.84 -19.95 0.60
C1 EDO Q . 4.30 6.95 6.77
O1 EDO Q . 4.39 8.03 5.88
C2 EDO Q . 2.82 6.82 7.17
O2 EDO Q . 2.13 6.15 6.14
C1 EDO R . 41.96 11.55 15.09
O1 EDO R . 42.97 10.74 14.50
C2 EDO R . 41.57 12.62 14.06
O2 EDO R . 40.39 13.28 14.48
C1 EDO S . 31.09 3.24 18.71
O1 EDO S . 30.61 2.03 19.25
C2 EDO S . 30.10 3.82 17.67
O2 EDO S . 30.47 3.43 16.36
N1 0LI T . 29.34 -5.03 8.32
N3 0LI T . 24.79 9.60 12.81
C4 0LI T . 30.14 -0.31 8.26
C5 0LI T . 30.53 1.00 8.67
C6 0LI T . 31.82 1.52 8.64
C7 0LI T . 32.03 2.80 9.11
C8 0LI T . 31.00 3.57 9.62
C10 0LI T . 29.51 1.75 9.21
C13 0LI T . 27.85 5.82 11.30
C15 0LI T . 26.94 7.97 11.78
C17 0LI T . 26.16 6.07 12.98
C20 0LI T . 25.19 8.35 13.49
C21 0LI T . 23.80 9.39 11.73
C22 0LI T . 23.84 10.65 10.91
C24 0LI T . 24.32 10.66 13.74
C81 0LI T . 28.31 -5.63 6.15
C82 0LI T . 27.91 -5.13 4.98
C83 0LI T . 28.11 -3.67 4.78
N81 0LI T . 28.64 -2.86 5.63
N82 0LI T . 29.01 -3.44 6.77
C84 0LI T . 28.88 -4.78 7.11
C1 0LI T . 29.77 -3.83 8.78
C2 0LI T . 29.57 -2.84 7.85
C3 0LI T . 29.92 -1.47 8.01
C9 0LI T . 29.74 3.03 9.66
C11 0LI T . 32.96 0.75 8.10
C12 0LI T . 28.58 3.73 10.21
O1 0LI T . 27.56 3.08 10.39
N2 0LI T . 28.75 5.05 10.54
C14 0LI T . 27.80 7.17 11.07
C16 0LI T . 26.11 7.43 12.74
C18 0LI T . 27.02 5.27 12.26
C19 0LI T . 25.26 5.43 14.02
F1 0LI T . 25.48 4.10 14.20
F2 0LI T . 25.39 5.95 15.27
F3 0LI T . 23.97 5.55 13.66
C23 0LI T . 24.24 11.96 12.96
C25 0LI T . 23.12 12.95 11.02
N4 0LI T . 23.35 11.73 11.81
#